data_8WKZ
#
_entry.id   8WKZ
#
_cell.length_a   167.460
_cell.length_b   44.940
_cell.length_c   89.570
_cell.angle_alpha   90.00
_cell.angle_beta   97.60
_cell.angle_gamma   90.00
#
_symmetry.space_group_name_H-M   'C 1 2 1'
#
loop_
_entity.id
_entity.type
_entity.pdbx_description
1 polymer 'Melanocortin receptor 4'
2 polymer [N-(3-{bis[2-(pyridin-2-yl-kappaN)ethyl]amino-kappaN}propyl)-5-(2-oxohexahydro-1H-thieno[3,4-d]imidazol-4-yl)pentanamide](azido)(hydroxy)copper
3 non-polymer 'CALCIUM ION'
4 non-polymer 'OLEIC ACID'
5 water water
#
loop_
_entity_poly.entity_id
_entity_poly.type
_entity_poly.pdbx_seq_one_letter_code
_entity_poly.pdbx_strand_id
1 'polypeptide(L)'
;MKTIIALSYIFCLVFADYKDDDDAGRAWNRSSYRLHSNASESLGKGYSDGGCYEQLFVSPVVFVTLGVISLLENILVIVA
IAKNKNLHSPMYFFICSLAVADMLVSVSLGFETIVITLLNSTDTDAQSFTVNIDNVIDSVICASLLASICSLLSIAVDRY
FTIFYALQYHNIMTVKRVGIIISCIWAACTVSGILFIIYSDSSAVIICLITMFFTMLALMASLYVHMFLMARLHGID
(YCM)SFWNESYLTGSRDERKKSLLSKFGMDEGVTFMFIGRFDRGQKGVDVLLKAIEILSSKKEFQEMRFIIIGKGDPEL
EGWARSLEEKHGNVKVITEMLSREFVRELYGSVDFVIIPSYFEPFGLVALEAMCLGAIPIASAVGGLRDIITNETGILVK
AGDPGELANAILKALELSRSDLSKFRENCKKRAMSFSRQGANMKGAITLTILIGVFVVCWAPFFLHLIFYISCPQNPYCV
CFMSHFNLYLILIMCNSIINPLIYALRSQELRKTFKEIICCYEFLEVLFQGPHHHHHHHHHH
;
A
2 'polypeptide(L)' (ACE)(NLE)DP(4J2)RWRK(NH2) B
#
loop_
_chem_comp.id
_chem_comp.type
_chem_comp.name
_chem_comp.formula
ACE non-polymer 'ACETYL GROUP' 'C2 H4 O'
CA non-polymer 'CALCIUM ION' 'Ca 2'
NH2 non-polymer 'AMINO GROUP' 'H2 N'
OLA non-polymer 'OLEIC ACID' 'C18 H34 O2'
#
# COMPACT_ATOMS: atom_id res chain seq x y z
N GLN A 55 28.22 -29.44 11.28
CA GLN A 55 26.80 -29.08 11.27
C GLN A 55 26.35 -28.59 12.63
N LEU A 56 25.79 -27.38 12.66
CA LEU A 56 25.32 -26.79 13.91
C LEU A 56 24.20 -27.65 14.51
N PHE A 57 24.42 -28.12 15.73
CA PHE A 57 23.50 -29.04 16.40
C PHE A 57 22.57 -28.28 17.33
N VAL A 58 21.27 -28.53 17.19
CA VAL A 58 20.26 -28.09 18.14
C VAL A 58 19.32 -29.26 18.38
N SER A 59 18.97 -29.48 19.66
CA SER A 59 18.26 -30.69 20.04
C SER A 59 16.91 -30.78 19.34
N PRO A 60 16.46 -31.98 18.99
CA PRO A 60 15.14 -32.14 18.36
C PRO A 60 13.99 -31.63 19.20
N VAL A 61 14.21 -31.34 20.50
CA VAL A 61 13.14 -30.79 21.32
C VAL A 61 12.72 -29.43 20.82
N VAL A 62 13.65 -28.65 20.26
CA VAL A 62 13.34 -27.31 19.82
C VAL A 62 12.41 -27.33 18.61
N PHE A 63 12.73 -28.18 17.63
CA PHE A 63 11.91 -28.25 16.42
C PHE A 63 10.47 -28.67 16.75
N VAL A 64 10.31 -29.59 17.68
CA VAL A 64 8.97 -30.02 18.06
C VAL A 64 8.27 -28.94 18.87
N THR A 65 9.00 -28.24 19.72
CA THR A 65 8.40 -27.19 20.55
C THR A 65 7.98 -26.00 19.70
N LEU A 66 8.87 -25.52 18.83
CA LEU A 66 8.54 -24.39 17.98
C LEU A 66 7.43 -24.73 17.00
N GLY A 67 7.38 -25.99 16.55
CA GLY A 67 6.29 -26.41 15.67
C GLY A 67 4.95 -26.45 16.37
N VAL A 68 4.94 -26.66 17.69
CA VAL A 68 3.70 -26.71 18.44
C VAL A 68 3.22 -25.31 18.80
N ILE A 69 4.15 -24.42 19.14
CA ILE A 69 3.78 -23.04 19.48
C ILE A 69 3.08 -22.38 18.31
N SER A 70 3.66 -22.49 17.11
CA SER A 70 3.00 -21.96 15.92
C SER A 70 1.76 -22.75 15.55
N LEU A 71 1.72 -24.03 15.93
CA LEU A 71 0.52 -24.83 15.68
C LEU A 71 -0.67 -24.29 16.45
N LEU A 72 -0.45 -23.87 17.70
CA LEU A 72 -1.52 -23.30 18.50
C LEU A 72 -1.82 -21.87 18.11
N GLU A 73 -0.77 -21.09 17.78
CA GLU A 73 -0.96 -19.69 17.46
C GLU A 73 -1.71 -19.51 16.15
N ASN A 74 -1.24 -20.16 15.09
CA ASN A 74 -1.86 -19.98 13.77
C ASN A 74 -3.24 -20.62 13.71
N ILE A 75 -3.49 -21.65 14.52
CA ILE A 75 -4.85 -22.17 14.62
C ILE A 75 -5.76 -21.12 15.26
N LEU A 76 -5.29 -20.48 16.33
CA LEU A 76 -6.05 -19.41 16.96
C LEU A 76 -6.29 -18.25 16.00
N VAL A 77 -5.34 -18.02 15.08
CA VAL A 77 -5.51 -16.94 14.11
C VAL A 77 -6.62 -17.28 13.12
N ILE A 78 -6.62 -18.52 12.61
CA ILE A 78 -7.63 -18.91 11.63
C ILE A 78 -9.02 -18.98 12.26
N VAL A 79 -9.11 -19.54 13.48
CA VAL A 79 -10.39 -19.64 14.14
C VAL A 79 -10.96 -18.26 14.45
N ALA A 80 -10.09 -17.32 14.84
CA ALA A 80 -10.55 -15.99 15.19
C ALA A 80 -11.06 -15.23 13.97
N ILE A 81 -10.34 -15.31 12.85
CA ILE A 81 -10.75 -14.61 11.64
C ILE A 81 -12.05 -15.19 11.10
N ALA A 82 -12.23 -16.51 11.23
CA ALA A 82 -13.44 -17.14 10.72
C ALA A 82 -14.64 -16.85 11.61
N LYS A 83 -14.46 -16.89 12.93
CA LYS A 83 -15.57 -16.72 13.86
C LYS A 83 -16.01 -15.26 14.00
N ASN A 84 -15.21 -14.31 13.54
CA ASN A 84 -15.53 -12.89 13.66
C ASN A 84 -16.07 -12.40 12.32
N LYS A 85 -17.33 -11.94 12.33
CA LYS A 85 -17.94 -11.44 11.10
C LYS A 85 -17.32 -10.14 10.63
N ASN A 86 -16.69 -9.38 11.52
CA ASN A 86 -16.04 -8.13 11.15
C ASN A 86 -14.70 -8.33 10.44
N LEU A 87 -14.16 -9.55 10.45
CA LEU A 87 -12.89 -9.85 9.81
C LEU A 87 -13.07 -10.59 8.49
N HIS A 88 -14.25 -10.51 7.88
CA HIS A 88 -14.52 -11.19 6.62
C HIS A 88 -14.17 -10.31 5.42
N SER A 89 -13.00 -9.69 5.47
CA SER A 89 -12.50 -8.85 4.40
C SER A 89 -11.44 -9.61 3.59
N PRO A 90 -11.23 -9.24 2.33
CA PRO A 90 -10.21 -9.94 1.52
C PRO A 90 -8.83 -9.96 2.15
N MET A 91 -8.42 -8.89 2.84
CA MET A 91 -7.10 -8.87 3.46
C MET A 91 -6.97 -9.98 4.50
N TYR A 92 -7.97 -10.13 5.38
CA TYR A 92 -7.92 -11.18 6.39
C TYR A 92 -8.10 -12.56 5.80
N PHE A 93 -8.63 -12.66 4.57
CA PHE A 93 -8.70 -13.95 3.91
C PHE A 93 -7.36 -14.37 3.33
N PHE A 94 -6.56 -13.40 2.85
CA PHE A 94 -5.19 -13.72 2.45
C PHE A 94 -4.29 -13.92 3.67
N ILE A 95 -4.54 -13.20 4.76
CA ILE A 95 -3.83 -13.44 6.01
C ILE A 95 -4.18 -14.83 6.54
N CYS A 96 -5.44 -15.25 6.34
CA CYS A 96 -5.85 -16.58 6.77
C CYS A 96 -5.04 -17.66 6.06
N SER A 97 -4.79 -17.49 4.77
CA SER A 97 -3.99 -18.46 4.03
C SER A 97 -2.51 -18.35 4.39
N LEU A 98 -2.06 -17.16 4.79
CA LEU A 98 -0.67 -17.00 5.23
C LEU A 98 -0.43 -17.77 6.52
N ALA A 99 -1.41 -17.78 7.43
CA ALA A 99 -1.29 -18.58 8.64
C ALA A 99 -1.31 -20.07 8.34
N VAL A 100 -1.99 -20.48 7.27
CA VAL A 100 -2.01 -21.88 6.88
C VAL A 100 -0.64 -22.32 6.37
N ALA A 101 -0.05 -21.52 5.47
CA ALA A 101 1.27 -21.86 4.95
C ALA A 101 2.35 -21.74 6.03
N ASP A 102 2.15 -20.87 7.02
CA ASP A 102 3.13 -20.73 8.08
C ASP A 102 3.11 -21.94 9.01
N MET A 103 1.92 -22.44 9.35
CA MET A 103 1.84 -23.56 10.28
C MET A 103 2.23 -24.88 9.62
N LEU A 104 1.97 -25.03 8.31
CA LEU A 104 2.40 -26.25 7.62
C LEU A 104 3.92 -26.36 7.55
N VAL A 105 4.61 -25.22 7.47
CA VAL A 105 6.07 -25.24 7.44
C VAL A 105 6.61 -25.73 8.78
N SER A 106 6.17 -25.11 9.87
CA SER A 106 6.68 -25.49 11.19
C SER A 106 6.21 -26.88 11.60
N VAL A 107 5.03 -27.30 11.14
CA VAL A 107 4.57 -28.65 11.40
C VAL A 107 5.42 -29.65 10.62
N SER A 108 5.68 -29.37 9.33
CA SER A 108 6.49 -30.26 8.52
C SER A 108 7.92 -30.36 9.05
N LEU A 109 8.48 -29.22 9.50
CA LEU A 109 9.83 -29.24 10.05
C LEU A 109 9.87 -30.00 11.38
N GLY A 110 8.82 -29.88 12.18
CA GLY A 110 8.75 -30.66 13.41
C GLY A 110 8.47 -32.13 13.13
N PHE A 111 7.58 -32.40 12.16
CA PHE A 111 7.29 -33.78 11.78
C PHE A 111 8.51 -34.44 11.15
N GLU A 112 9.30 -33.67 10.39
CA GLU A 112 10.51 -34.23 9.78
C GLU A 112 11.53 -34.60 10.84
N THR A 113 11.65 -33.79 11.90
CA THR A 113 12.64 -34.06 12.93
C THR A 113 12.32 -35.33 13.70
N ILE A 114 11.03 -35.56 13.99
CA ILE A 114 10.63 -36.80 14.65
C ILE A 114 10.89 -37.99 13.75
N VAL A 115 10.57 -37.87 12.47
CA VAL A 115 10.80 -38.96 11.53
C VAL A 115 12.29 -39.22 11.34
N ILE A 116 13.10 -38.15 11.31
CA ILE A 116 14.54 -38.31 11.19
C ILE A 116 15.09 -39.01 12.42
N THR A 117 14.63 -38.63 13.61
CA THR A 117 15.10 -39.24 14.84
C THR A 117 14.61 -40.69 14.99
N LEU A 118 13.61 -41.09 14.21
CA LEU A 118 13.12 -42.46 14.25
C LEU A 118 13.80 -43.37 13.24
N LEU A 119 14.20 -42.83 12.09
CA LEU A 119 14.78 -43.66 11.04
C LEU A 119 16.22 -44.05 11.37
N ASN A 120 16.99 -43.14 11.99
CA ASN A 120 18.35 -43.45 12.37
C ASN A 120 18.43 -44.41 13.55
N SER A 121 17.32 -44.63 14.25
CA SER A 121 17.28 -45.54 15.39
C SER A 121 16.80 -46.94 15.01
N THR A 122 15.76 -47.05 14.18
CA THR A 122 15.26 -48.35 13.78
C THR A 122 16.06 -48.95 12.63
N ASP A 123 16.63 -48.12 11.76
CA ASP A 123 17.45 -48.55 10.63
C ASP A 123 16.80 -49.67 9.81
N GLN A 127 16.28 -49.78 3.40
CA GLN A 127 15.97 -48.36 3.41
C GLN A 127 15.08 -47.96 2.23
N SER A 128 15.42 -46.83 1.62
CA SER A 128 14.75 -46.32 0.42
C SER A 128 13.32 -45.91 0.68
N PHE A 129 12.83 -46.09 1.90
CA PHE A 129 11.57 -45.48 2.30
C PHE A 129 11.79 -44.10 2.88
N THR A 130 13.00 -43.85 3.40
CA THR A 130 13.36 -42.52 3.87
C THR A 130 13.26 -41.49 2.75
N VAL A 131 13.70 -41.87 1.55
CA VAL A 131 13.70 -40.94 0.42
C VAL A 131 12.29 -40.52 0.06
N ASN A 132 11.33 -41.46 0.14
CA ASN A 132 9.96 -41.15 -0.22
C ASN A 132 9.31 -40.20 0.78
N ILE A 133 9.45 -40.50 2.07
CA ILE A 133 8.89 -39.60 3.09
C ILE A 133 9.64 -38.28 3.09
N ASP A 134 10.90 -38.28 2.68
CA ASP A 134 11.63 -37.02 2.52
C ASP A 134 11.07 -36.21 1.37
N ASN A 135 10.74 -36.87 0.25
CA ASN A 135 10.21 -36.17 -0.90
C ASN A 135 8.82 -35.59 -0.65
N VAL A 136 8.08 -36.14 0.30
CA VAL A 136 6.73 -35.66 0.59
C VAL A 136 6.75 -34.56 1.65
N ILE A 137 7.51 -34.76 2.73
CA ILE A 137 7.64 -33.73 3.75
C ILE A 137 8.22 -32.45 3.14
N ASP A 138 9.29 -32.59 2.37
CA ASP A 138 9.88 -31.43 1.72
C ASP A 138 8.97 -30.83 0.66
N SER A 139 8.02 -31.59 0.15
CA SER A 139 7.07 -31.05 -0.83
C SER A 139 6.05 -30.14 -0.16
N VAL A 140 5.64 -30.48 1.07
CA VAL A 140 4.74 -29.60 1.80
C VAL A 140 5.44 -28.30 2.18
N ILE A 141 6.72 -28.39 2.55
CA ILE A 141 7.49 -27.19 2.88
C ILE A 141 7.63 -26.31 1.65
N CYS A 142 7.93 -26.90 0.49
CA CYS A 142 8.10 -26.12 -0.72
C CYS A 142 6.78 -25.48 -1.15
N ALA A 143 5.69 -26.25 -1.13
CA ALA A 143 4.40 -25.70 -1.53
C ALA A 143 3.94 -24.62 -0.57
N SER A 144 4.20 -24.79 0.73
CA SER A 144 3.82 -23.76 1.69
C SER A 144 4.69 -22.52 1.55
N LEU A 145 5.96 -22.68 1.20
CA LEU A 145 6.83 -21.52 1.01
C LEU A 145 6.35 -20.69 -0.17
N LEU A 146 5.99 -21.33 -1.29
CA LEU A 146 5.47 -20.61 -2.43
C LEU A 146 4.13 -19.95 -2.10
N ALA A 147 3.31 -20.62 -1.29
CA ALA A 147 2.06 -20.02 -0.85
C ALA A 147 2.32 -18.87 0.12
N SER A 148 3.35 -19.01 0.97
CA SER A 148 3.71 -17.92 1.87
C SER A 148 4.11 -16.68 1.09
N ILE A 149 4.83 -16.85 -0.01
CA ILE A 149 5.21 -15.72 -0.85
C ILE A 149 3.99 -15.16 -1.57
N CYS A 150 3.10 -16.05 -2.02
CA CYS A 150 1.91 -15.59 -2.75
C CYS A 150 0.92 -14.89 -1.82
N SER A 151 0.75 -15.42 -0.61
CA SER A 151 -0.15 -14.78 0.35
C SER A 151 0.33 -13.38 0.73
N LEU A 152 1.65 -13.18 0.75
CA LEU A 152 2.17 -11.85 1.06
C LEU A 152 1.99 -10.91 -0.13
N LEU A 153 2.18 -11.42 -1.35
CA LEU A 153 1.95 -10.58 -2.52
C LEU A 153 0.47 -10.30 -2.74
N SER A 154 -0.40 -11.22 -2.32
CA SER A 154 -1.84 -10.98 -2.41
C SER A 154 -2.27 -9.85 -1.48
N ILE A 155 -1.68 -9.77 -0.29
CA ILE A 155 -1.97 -8.66 0.60
C ILE A 155 -1.43 -7.36 0.01
N ALA A 156 -0.27 -7.42 -0.64
CA ALA A 156 0.31 -6.23 -1.27
C ALA A 156 -0.60 -5.70 -2.37
N VAL A 157 -1.10 -6.59 -3.23
CA VAL A 157 -2.08 -6.19 -4.24
C VAL A 157 -3.36 -5.69 -3.57
N ASP A 158 -3.77 -6.35 -2.49
CA ASP A 158 -4.95 -5.92 -1.76
C ASP A 158 -4.76 -4.52 -1.18
N ARG A 159 -3.54 -4.17 -0.78
CA ARG A 159 -3.31 -2.86 -0.18
C ARG A 159 -3.18 -1.77 -1.24
N TYR A 160 -2.59 -2.09 -2.40
CA TYR A 160 -2.47 -1.10 -3.46
C TYR A 160 -3.83 -0.68 -4.00
N PHE A 161 -4.75 -1.63 -4.15
CA PHE A 161 -6.04 -1.31 -4.74
C PHE A 161 -6.99 -0.71 -3.71
N THR A 162 -6.99 -1.21 -2.47
CA THR A 162 -7.84 -0.64 -1.44
C THR A 162 -7.44 0.78 -1.06
N ILE A 163 -6.25 1.22 -1.45
CA ILE A 163 -5.82 2.59 -1.15
C ILE A 163 -6.23 3.56 -2.25
N PHE A 164 -6.05 3.18 -3.51
CA PHE A 164 -6.33 4.07 -4.63
C PHE A 164 -7.74 3.87 -5.19
N TYR A 165 -8.06 2.65 -5.60
CA TYR A 165 -9.38 2.33 -6.16
C TYR A 165 -10.15 1.47 -5.15
N ALA A 166 -10.61 2.13 -4.08
CA ALA A 166 -11.15 1.39 -2.94
C ALA A 166 -12.47 0.73 -3.28
N LEU A 167 -13.35 1.41 -4.02
CA LEU A 167 -14.68 0.87 -4.26
C LEU A 167 -14.69 -0.12 -5.41
N GLN A 168 -13.96 0.19 -6.50
CA GLN A 168 -13.91 -0.74 -7.63
C GLN A 168 -13.27 -2.06 -7.24
N TYR A 169 -12.38 -2.05 -6.24
CA TYR A 169 -11.81 -3.30 -5.73
C TYR A 169 -12.80 -4.04 -4.84
N HIS A 170 -13.67 -3.32 -4.13
CA HIS A 170 -14.64 -3.96 -3.25
C HIS A 170 -15.69 -4.72 -4.03
N ASN A 171 -16.12 -4.18 -5.17
CA ASN A 171 -17.16 -4.83 -5.97
C ASN A 171 -16.63 -6.09 -6.64
N ILE A 172 -15.40 -6.03 -7.17
CA ILE A 172 -14.86 -7.18 -7.88
C ILE A 172 -14.38 -8.26 -6.91
N MET A 173 -13.90 -7.87 -5.73
CA MET A 173 -13.41 -8.83 -4.75
C MET A 173 -14.51 -9.19 -3.75
N THR A 174 -15.48 -9.94 -4.27
CA THR A 174 -16.55 -10.45 -3.42
C THR A 174 -16.04 -11.56 -2.52
N VAL A 175 -16.90 -11.99 -1.59
CA VAL A 175 -16.55 -13.10 -0.72
C VAL A 175 -16.37 -14.39 -1.51
N LYS A 176 -16.97 -14.49 -2.69
CA LYS A 176 -16.80 -15.67 -3.54
C LYS A 176 -15.50 -15.63 -4.31
N ARG A 177 -15.18 -14.48 -4.92
CA ARG A 177 -14.00 -14.41 -5.79
C ARG A 177 -12.70 -14.52 -5.01
N VAL A 178 -12.68 -14.10 -3.74
CA VAL A 178 -11.47 -14.25 -2.95
C VAL A 178 -11.20 -15.71 -2.64
N GLY A 179 -12.26 -16.51 -2.45
CA GLY A 179 -12.06 -17.93 -2.22
C GLY A 179 -11.56 -18.67 -3.45
N ILE A 180 -11.90 -18.18 -4.64
CA ILE A 180 -11.41 -18.81 -5.86
C ILE A 180 -9.93 -18.50 -6.06
N ILE A 181 -9.51 -17.29 -5.73
CA ILE A 181 -8.11 -16.91 -5.92
C ILE A 181 -7.21 -17.65 -4.93
N ILE A 182 -7.62 -17.69 -3.66
CA ILE A 182 -6.85 -18.42 -2.65
C ILE A 182 -6.80 -19.90 -2.98
N SER A 183 -7.88 -20.45 -3.55
CA SER A 183 -7.86 -21.84 -3.98
C SER A 183 -6.93 -22.03 -5.18
N CYS A 184 -6.92 -21.06 -6.11
CA CYS A 184 -6.04 -21.17 -7.26
C CYS A 184 -4.58 -20.99 -6.88
N ILE A 185 -4.30 -20.16 -5.87
CA ILE A 185 -2.93 -19.99 -5.40
C ILE A 185 -2.39 -21.30 -4.85
N TRP A 186 -3.14 -21.92 -3.93
CA TRP A 186 -2.72 -23.18 -3.33
C TRP A 186 -2.69 -24.31 -4.36
N ALA A 187 -3.43 -24.18 -5.46
CA ALA A 187 -3.38 -25.20 -6.50
C ALA A 187 -2.07 -25.11 -7.27
N ALA A 188 -1.71 -23.91 -7.74
CA ALA A 188 -0.46 -23.75 -8.48
C ALA A 188 0.75 -23.90 -7.57
N CYS A 189 0.60 -23.63 -6.28
CA CYS A 189 1.72 -23.78 -5.35
C CYS A 189 2.01 -25.24 -5.06
N THR A 190 0.98 -26.06 -4.88
CA THR A 190 1.19 -27.48 -4.63
C THR A 190 1.73 -28.19 -5.87
N VAL A 191 1.21 -27.84 -7.05
CA VAL A 191 1.72 -28.42 -8.29
C VAL A 191 3.17 -28.04 -8.50
N SER A 192 3.49 -26.76 -8.31
CA SER A 192 4.87 -26.31 -8.45
C SER A 192 5.75 -26.86 -7.33
N GLY A 193 5.18 -27.08 -6.14
CA GLY A 193 5.96 -27.64 -5.06
C GLY A 193 6.39 -29.07 -5.34
N ILE A 194 5.52 -29.87 -5.94
CA ILE A 194 5.87 -31.25 -6.26
C ILE A 194 6.96 -31.30 -7.32
N LEU A 195 6.83 -30.48 -8.37
CA LEU A 195 7.83 -30.47 -9.43
C LEU A 195 9.15 -29.88 -8.94
N PHE A 196 9.11 -28.98 -7.96
CA PHE A 196 10.34 -28.40 -7.44
C PHE A 196 11.16 -29.44 -6.68
N ILE A 197 10.49 -30.33 -5.94
CA ILE A 197 11.21 -31.31 -5.14
C ILE A 197 11.81 -32.40 -6.02
N ILE A 198 11.13 -32.75 -7.11
CA ILE A 198 11.66 -33.75 -8.03
C ILE A 198 12.99 -33.28 -8.62
N TYR A 199 13.02 -32.04 -9.11
CA TYR A 199 14.22 -31.43 -9.67
C TYR A 199 14.86 -30.44 -8.71
N SER A 200 14.97 -30.83 -7.43
CA SER A 200 15.56 -29.93 -6.43
C SER A 200 17.05 -29.71 -6.68
N ASP A 201 17.73 -30.69 -7.28
CA ASP A 201 19.15 -30.55 -7.56
C ASP A 201 19.43 -29.84 -8.88
N SER A 202 18.41 -29.62 -9.70
CA SER A 202 18.60 -28.95 -10.98
C SER A 202 18.74 -27.44 -10.78
N SER A 203 19.31 -26.78 -11.80
CA SER A 203 19.64 -25.37 -11.69
C SER A 203 18.41 -24.48 -11.77
N ALA A 204 17.46 -24.80 -12.66
CA ALA A 204 16.31 -23.93 -12.87
C ALA A 204 15.46 -23.77 -11.62
N VAL A 205 15.42 -24.80 -10.77
CA VAL A 205 14.62 -24.71 -9.55
C VAL A 205 15.29 -23.78 -8.54
N ILE A 206 16.61 -23.91 -8.36
CA ILE A 206 17.31 -23.09 -7.38
C ILE A 206 17.41 -21.65 -7.85
N ILE A 207 17.56 -21.44 -9.16
CA ILE A 207 17.55 -20.08 -9.69
C ILE A 207 16.17 -19.46 -9.53
N CYS A 208 15.11 -20.27 -9.57
CA CYS A 208 13.76 -19.74 -9.45
C CYS A 208 13.45 -19.31 -8.02
N LEU A 209 13.81 -20.14 -7.04
CA LEU A 209 13.52 -19.82 -5.65
C LEU A 209 14.32 -18.62 -5.18
N ILE A 210 15.61 -18.55 -5.56
CA ILE A 210 16.42 -17.40 -5.20
C ILE A 210 15.86 -16.13 -5.81
N THR A 211 15.35 -16.22 -7.04
CA THR A 211 14.73 -15.07 -7.69
C THR A 211 13.51 -14.58 -6.91
N MET A 212 12.71 -15.53 -6.40
CA MET A 212 11.51 -15.15 -5.65
C MET A 212 11.86 -14.46 -4.35
N PHE A 213 13.01 -14.79 -3.75
CA PHE A 213 13.42 -14.10 -2.53
C PHE A 213 13.87 -12.68 -2.83
N PHE A 214 14.65 -12.48 -3.90
CA PHE A 214 15.06 -11.14 -4.27
C PHE A 214 13.88 -10.29 -4.70
N THR A 215 12.83 -10.91 -5.23
CA THR A 215 11.62 -10.17 -5.57
C THR A 215 10.92 -9.65 -4.31
N MET A 216 10.75 -10.53 -3.31
CA MET A 216 10.21 -10.09 -2.03
C MET A 216 11.14 -9.10 -1.36
N LEU A 217 12.45 -9.22 -1.58
CA LEU A 217 13.40 -8.27 -1.01
C LEU A 217 13.27 -6.91 -1.68
N ALA A 218 13.12 -6.89 -3.01
CA ALA A 218 12.98 -5.63 -3.72
C ALA A 218 11.66 -4.94 -3.39
N LEU A 219 10.59 -5.73 -3.19
CA LEU A 219 9.32 -5.16 -2.80
C LEU A 219 9.38 -4.58 -1.39
N MET A 220 10.15 -5.23 -0.50
CA MET A 220 10.33 -4.68 0.85
C MET A 220 11.11 -3.37 0.82
N ALA A 221 12.14 -3.31 -0.02
CA ALA A 221 12.92 -2.07 -0.15
C ALA A 221 12.08 -0.96 -0.74
N SER A 222 11.18 -1.30 -1.68
CA SER A 222 10.27 -0.30 -2.23
C SER A 222 9.27 0.20 -1.20
N LEU A 223 8.85 -0.68 -0.29
CA LEU A 223 7.86 -0.29 0.72
C LEU A 223 8.49 0.54 1.82
N TYR A 224 9.72 0.22 2.21
CA TYR A 224 10.39 1.03 3.23
C TYR A 224 10.72 2.42 2.71
N VAL A 225 11.02 2.55 1.42
CA VAL A 225 11.31 3.85 0.85
C VAL A 225 10.05 4.70 0.80
N HIS A 226 8.94 4.12 0.38
CA HIS A 226 7.69 4.88 0.24
C HIS A 226 7.11 5.25 1.60
N MET A 227 7.02 4.28 2.51
CA MET A 227 6.28 4.49 3.75
C MET A 227 7.08 5.26 4.78
N PHE A 228 8.39 5.00 4.89
CA PHE A 228 9.19 5.53 5.98
C PHE A 228 10.09 6.68 5.56
N LEU A 229 10.92 6.49 4.54
CA LEU A 229 11.80 7.57 4.08
C LEU A 229 11.00 8.70 3.47
N MET A 230 10.21 8.40 2.44
CA MET A 230 9.35 9.38 1.78
C MET A 230 8.03 9.59 2.52
N ALA A 231 8.06 9.54 3.86
CA ALA A 231 6.82 9.67 4.62
C ALA A 231 6.25 11.08 4.51
N ARG A 232 7.09 12.09 4.69
CA ARG A 232 6.66 13.48 4.65
C ARG A 232 6.59 14.05 3.23
N LEU A 233 6.68 13.20 2.20
CA LEU A 233 6.61 13.66 0.82
C LEU A 233 5.21 13.53 0.23
N HIS A 234 4.48 12.46 0.57
CA HIS A 234 3.12 12.26 0.07
C HIS A 234 2.11 12.10 1.21
N GLY A 235 2.49 12.45 2.43
CA GLY A 235 1.61 12.33 3.57
C GLY A 235 0.85 13.62 3.82
N ILE A 236 -0.47 13.52 3.87
CA ILE A 236 -1.32 14.68 4.12
C ILE A 236 -1.31 15.01 5.60
N ASP A 237 -1.17 16.29 5.92
CA ASP A 237 -1.15 16.75 7.31
C ASP A 237 -2.56 17.08 7.78
N YCM A 238 -3.10 16.24 8.66
CA YCM A 238 -4.49 16.40 9.13
CB YCM A 238 -5.02 15.08 9.66
SG YCM A 238 -5.92 14.10 8.43
CD YCM A 238 -6.74 15.45 7.53
CE YCM A 238 -7.78 14.92 6.57
OZ1 YCM A 238 -8.71 15.64 6.17
NZ2 YCM A 238 -7.62 13.66 6.20
C YCM A 238 -4.63 17.47 10.22
O YCM A 238 -5.64 18.14 10.31
N SER A 239 -3.59 17.61 11.02
CA SER A 239 -3.60 18.59 12.10
C SER A 239 -3.50 20.02 11.59
N PHE A 240 -3.06 20.18 10.35
CA PHE A 240 -2.92 21.50 9.72
C PHE A 240 -3.96 21.76 8.65
N TRP A 241 -4.09 20.85 7.67
CA TRP A 241 -5.09 21.01 6.61
C TRP A 241 -6.46 20.54 7.13
N ASN A 242 -7.04 21.37 7.98
CA ASN A 242 -8.32 21.11 8.62
C ASN A 242 -9.25 22.30 8.41
N GLU A 243 -10.53 22.01 8.17
CA GLU A 243 -11.50 23.08 8.01
C GLU A 243 -11.83 23.77 9.32
N SER A 244 -11.47 23.18 10.46
CA SER A 244 -11.74 23.81 11.75
C SER A 244 -10.98 25.12 11.92
N TYR A 245 -9.91 25.32 11.16
CA TYR A 245 -9.16 26.57 11.20
C TYR A 245 -9.84 27.70 10.43
N LEU A 246 -11.02 27.44 9.86
CA LEU A 246 -11.78 28.45 9.14
C LEU A 246 -13.01 28.84 9.94
N THR A 247 -13.72 29.86 9.46
CA THR A 247 -14.92 30.34 10.12
C THR A 247 -15.89 30.86 9.07
N GLY A 248 -17.15 30.43 9.16
CA GLY A 248 -18.17 30.83 8.22
C GLY A 248 -18.40 29.78 7.14
N SER A 249 -19.17 30.19 6.14
CA SER A 249 -19.45 29.33 4.99
C SER A 249 -18.48 29.66 3.85
N ARG A 250 -18.52 28.83 2.81
CA ARG A 250 -17.60 29.01 1.70
C ARG A 250 -17.86 30.31 0.95
N ASP A 251 -19.11 30.52 0.53
CA ASP A 251 -19.45 31.76 -0.16
C ASP A 251 -19.25 32.98 0.73
N GLU A 252 -19.37 32.81 2.04
CA GLU A 252 -19.06 33.90 2.96
C GLU A 252 -17.57 34.21 2.94
N ARG A 253 -16.73 33.17 3.02
CA ARG A 253 -15.29 33.37 2.95
C ARG A 253 -14.84 33.77 1.55
N LYS A 254 -15.57 33.31 0.52
CA LYS A 254 -15.18 33.63 -0.85
C LYS A 254 -15.45 35.08 -1.19
N LYS A 255 -16.57 35.63 -0.70
CA LYS A 255 -16.86 37.05 -0.94
C LYS A 255 -15.85 37.94 -0.23
N SER A 256 -15.42 37.53 0.97
CA SER A 256 -14.39 38.29 1.68
C SER A 256 -13.07 38.24 0.94
N LEU A 257 -12.73 37.10 0.35
CA LEU A 257 -11.50 36.99 -0.42
C LEU A 257 -11.59 37.79 -1.72
N LEU A 258 -12.73 37.72 -2.40
CA LEU A 258 -12.90 38.47 -3.64
C LEU A 258 -12.98 39.97 -3.40
N SER A 259 -13.53 40.38 -2.25
CA SER A 259 -13.52 41.79 -1.89
C SER A 259 -12.15 42.24 -1.40
N LYS A 260 -11.36 41.31 -0.84
CA LYS A 260 -9.98 41.64 -0.46
C LYS A 260 -9.15 42.00 -1.69
N PHE A 261 -9.50 41.44 -2.85
CA PHE A 261 -8.86 41.80 -4.11
C PHE A 261 -9.75 42.70 -4.96
N GLY A 262 -10.92 43.10 -4.46
CA GLY A 262 -11.81 43.97 -5.18
C GLY A 262 -12.37 43.33 -6.44
N MET A 263 -13.29 42.39 -6.27
CA MET A 263 -13.84 41.66 -7.41
C MET A 263 -15.29 41.28 -7.15
N ASP A 264 -16.05 41.15 -8.22
CA ASP A 264 -17.41 40.67 -8.14
C ASP A 264 -17.45 39.18 -7.85
N GLU A 265 -18.53 38.73 -7.21
CA GLU A 265 -18.64 37.33 -6.82
C GLU A 265 -18.91 36.46 -8.05
N GLY A 266 -18.06 35.46 -8.26
CA GLY A 266 -18.22 34.55 -9.36
C GLY A 266 -17.45 33.27 -9.10
N VAL A 267 -17.50 32.36 -10.08
CA VAL A 267 -16.78 31.10 -9.96
C VAL A 267 -15.29 31.38 -9.88
N THR A 268 -14.68 31.04 -8.75
CA THR A 268 -13.29 31.40 -8.45
C THR A 268 -12.40 30.20 -8.73
N PHE A 269 -11.54 30.33 -9.73
CA PHE A 269 -10.47 29.37 -10.00
C PHE A 269 -9.16 29.91 -9.46
N MET A 270 -8.29 28.99 -9.01
CA MET A 270 -7.05 29.37 -8.36
C MET A 270 -5.91 28.48 -8.83
N PHE A 271 -4.78 29.10 -9.12
CA PHE A 271 -3.54 28.39 -9.41
C PHE A 271 -2.48 28.82 -8.40
N ILE A 272 -1.73 27.85 -7.89
CA ILE A 272 -0.63 28.10 -6.97
C ILE A 272 0.52 27.17 -7.33
N GLY A 273 1.73 27.71 -7.37
CA GLY A 273 2.89 26.92 -7.71
C GLY A 273 4.10 27.73 -8.14
N ARG A 274 4.77 27.30 -9.21
CA ARG A 274 5.97 27.93 -9.71
C ARG A 274 5.78 28.27 -11.19
N PHE A 275 6.29 29.43 -11.60
CA PHE A 275 6.19 29.85 -12.99
C PHE A 275 7.40 29.31 -13.74
N ASP A 276 7.22 28.17 -14.40
CA ASP A 276 8.26 27.56 -15.21
C ASP A 276 7.69 27.18 -16.57
N ARG A 277 8.60 26.87 -17.50
CA ARG A 277 8.21 26.65 -18.88
C ARG A 277 7.94 25.18 -19.21
N GLY A 278 8.38 24.25 -18.37
CA GLY A 278 8.15 22.85 -18.66
C GLY A 278 8.04 21.96 -17.44
N GLN A 279 7.39 22.45 -16.38
CA GLN A 279 7.28 21.67 -15.16
C GLN A 279 5.90 21.80 -14.51
N LYS A 280 5.63 22.92 -13.87
CA LYS A 280 4.36 23.10 -13.17
C LYS A 280 3.22 23.45 -14.12
N GLY A 281 3.52 23.95 -15.31
CA GLY A 281 2.48 24.20 -16.28
C GLY A 281 1.68 25.46 -16.10
N VAL A 282 2.33 26.56 -15.71
CA VAL A 282 1.61 27.82 -15.68
C VAL A 282 1.41 28.36 -17.10
N ASP A 283 2.27 27.97 -18.03
CA ASP A 283 2.09 28.37 -19.42
C ASP A 283 0.82 27.76 -20.01
N VAL A 284 0.45 26.57 -19.55
CA VAL A 284 -0.80 25.96 -20.01
C VAL A 284 -2.00 26.76 -19.51
N LEU A 285 -1.93 27.23 -18.27
CA LEU A 285 -3.05 27.98 -17.70
C LEU A 285 -3.14 29.39 -18.26
N LEU A 286 -1.99 30.03 -18.50
CA LEU A 286 -2.02 31.41 -18.98
C LEU A 286 -2.60 31.49 -20.39
N LYS A 287 -2.26 30.53 -21.26
CA LYS A 287 -2.88 30.48 -22.57
C LYS A 287 -4.32 29.99 -22.50
N ALA A 288 -4.69 29.26 -21.44
CA ALA A 288 -6.08 28.86 -21.27
C ALA A 288 -6.95 30.06 -20.95
N ILE A 289 -6.42 31.02 -20.19
CA ILE A 289 -7.15 32.26 -19.95
C ILE A 289 -7.29 33.06 -21.24
N GLU A 290 -6.25 33.05 -22.08
CA GLU A 290 -6.32 33.78 -23.34
C GLU A 290 -7.38 33.18 -24.26
N ILE A 291 -7.50 31.84 -24.28
CA ILE A 291 -8.55 31.21 -25.06
C ILE A 291 -9.92 31.54 -24.47
N LEU A 292 -10.05 31.47 -23.15
CA LEU A 292 -11.31 31.77 -22.50
C LEU A 292 -11.63 33.26 -22.53
N SER A 293 -10.64 34.11 -22.84
CA SER A 293 -10.87 35.55 -22.81
C SER A 293 -11.91 35.98 -23.84
N SER A 294 -11.82 35.45 -25.05
CA SER A 294 -12.73 35.85 -26.12
C SER A 294 -14.13 35.28 -25.94
N LYS A 295 -14.32 34.31 -25.06
CA LYS A 295 -15.63 33.71 -24.86
C LYS A 295 -16.52 34.63 -24.04
N LYS A 296 -17.82 34.31 -24.03
CA LYS A 296 -18.79 35.08 -23.26
C LYS A 296 -18.92 34.62 -21.82
N GLU A 297 -18.63 33.35 -21.54
CA GLU A 297 -18.70 32.82 -20.19
C GLU A 297 -17.53 33.25 -19.31
N PHE A 298 -16.62 34.09 -19.85
CA PHE A 298 -15.45 34.50 -19.08
C PHE A 298 -15.82 35.48 -17.97
N GLN A 299 -16.92 36.22 -18.14
CA GLN A 299 -17.29 37.25 -17.16
C GLN A 299 -17.72 36.67 -15.83
N GLU A 300 -18.19 35.42 -15.80
CA GLU A 300 -18.60 34.76 -14.57
C GLU A 300 -17.46 34.02 -13.88
N MET A 301 -16.22 34.23 -14.33
CA MET A 301 -15.07 33.53 -13.78
C MET A 301 -14.14 34.52 -13.08
N ARG A 302 -13.46 34.02 -12.05
CA ARG A 302 -12.49 34.80 -11.28
C ARG A 302 -11.24 33.94 -11.09
N PHE A 303 -10.10 34.42 -11.56
CA PHE A 303 -8.85 33.68 -11.52
C PHE A 303 -7.87 34.35 -10.57
N ILE A 304 -7.24 33.54 -9.71
CA ILE A 304 -6.22 34.01 -8.78
C ILE A 304 -4.99 33.14 -8.98
N ILE A 305 -3.94 33.71 -9.56
CA ILE A 305 -2.72 32.99 -9.90
C ILE A 305 -1.61 33.45 -8.97
N ILE A 306 -0.98 32.50 -8.28
CA ILE A 306 0.08 32.80 -7.31
C ILE A 306 1.29 31.92 -7.63
N GLY A 307 2.48 32.52 -7.61
CA GLY A 307 3.71 31.78 -7.79
C GLY A 307 4.77 32.59 -8.52
N LYS A 308 6.00 32.57 -8.02
CA LYS A 308 7.09 33.30 -8.65
C LYS A 308 7.98 32.34 -9.43
N GLY A 309 8.32 32.72 -10.66
CA GLY A 309 9.20 31.91 -11.48
C GLY A 309 10.05 32.71 -12.44
N ASP A 310 9.85 32.53 -13.75
CA ASP A 310 10.73 33.30 -14.61
C ASP A 310 10.06 34.57 -15.12
N PRO A 311 10.83 35.64 -15.28
CA PRO A 311 10.25 36.92 -15.73
C PRO A 311 9.48 36.84 -17.04
N GLU A 312 9.78 35.88 -17.91
CA GLU A 312 9.05 35.77 -19.17
C GLU A 312 7.58 35.44 -18.92
N LEU A 313 7.31 34.52 -17.98
CA LEU A 313 5.94 34.20 -17.60
C LEU A 313 5.44 35.06 -16.45
N GLU A 314 6.36 35.56 -15.61
CA GLU A 314 5.96 36.43 -14.50
C GLU A 314 5.33 37.71 -15.02
N GLY A 315 5.90 38.28 -16.10
CA GLY A 315 5.31 39.47 -16.70
C GLY A 315 4.07 39.17 -17.52
N TRP A 316 4.00 37.96 -18.10
CA TRP A 316 2.82 37.59 -18.86
C TRP A 316 1.60 37.45 -17.96
N ALA A 317 1.79 36.99 -16.72
CA ALA A 317 0.66 36.88 -15.80
C ALA A 317 0.08 38.25 -15.48
N ARG A 318 0.92 39.21 -15.11
CA ARG A 318 0.46 40.56 -14.83
C ARG A 318 0.01 41.29 -16.10
N SER A 319 0.44 40.82 -17.28
CA SER A 319 -0.08 41.37 -18.51
C SER A 319 -1.55 41.01 -18.69
N LEU A 320 -1.94 39.79 -18.31
CA LEU A 320 -3.34 39.40 -18.37
C LEU A 320 -4.12 39.91 -17.17
N GLU A 321 -3.46 40.11 -16.03
CA GLU A 321 -4.13 40.70 -14.87
C GLU A 321 -4.61 42.12 -15.18
N GLU A 322 -3.85 42.86 -15.99
CA GLU A 322 -4.20 44.24 -16.30
C GLU A 322 -5.28 44.33 -17.36
N LYS A 323 -5.23 43.46 -18.38
CA LYS A 323 -6.15 43.52 -19.50
C LYS A 323 -7.44 42.76 -19.25
N HIS A 324 -7.74 42.39 -18.00
CA HIS A 324 -8.97 41.65 -17.71
C HIS A 324 -9.61 42.00 -16.38
N GLY A 325 -8.88 42.55 -15.41
CA GLY A 325 -9.50 42.99 -14.17
C GLY A 325 -9.92 41.88 -13.23
N ASN A 326 -10.69 40.92 -13.75
CA ASN A 326 -11.16 39.78 -12.96
C ASN A 326 -10.08 38.72 -12.72
N VAL A 327 -8.82 39.04 -13.01
CA VAL A 327 -7.70 38.15 -12.77
C VAL A 327 -6.78 38.82 -11.76
N LYS A 328 -6.40 38.09 -10.71
CA LYS A 328 -5.50 38.59 -9.68
C LYS A 328 -4.21 37.76 -9.71
N VAL A 329 -3.08 38.45 -9.84
CA VAL A 329 -1.77 37.80 -9.89
C VAL A 329 -0.95 38.33 -8.72
N ILE A 330 -0.60 37.44 -7.80
CA ILE A 330 0.22 37.76 -6.64
C ILE A 330 1.57 37.07 -6.84
N THR A 331 2.57 37.84 -7.25
CA THR A 331 3.92 37.33 -7.46
C THR A 331 4.71 37.28 -6.17
N GLU A 332 4.12 36.67 -5.14
CA GLU A 332 4.79 36.45 -3.87
C GLU A 332 4.50 35.02 -3.41
N MET A 333 5.31 34.57 -2.45
CA MET A 333 5.16 33.23 -1.87
C MET A 333 4.43 33.38 -0.54
N LEU A 334 3.12 33.11 -0.56
CA LEU A 334 2.28 33.28 0.62
C LEU A 334 2.50 32.14 1.60
N SER A 335 2.26 32.43 2.88
CA SER A 335 2.44 31.44 3.92
C SER A 335 1.42 30.32 3.79
N ARG A 336 1.77 29.16 4.36
CA ARG A 336 0.88 28.00 4.32
C ARG A 336 -0.44 28.26 5.03
N GLU A 337 -0.47 29.21 5.97
CA GLU A 337 -1.72 29.52 6.66
C GLU A 337 -2.70 30.25 5.76
N PHE A 338 -2.20 31.10 4.86
CA PHE A 338 -3.09 31.81 3.94
C PHE A 338 -3.49 30.96 2.75
N VAL A 339 -2.63 30.04 2.33
CA VAL A 339 -3.02 29.09 1.29
C VAL A 339 -4.12 28.16 1.80
N ARG A 340 -4.07 27.80 3.08
CA ARG A 340 -5.15 27.05 3.69
C ARG A 340 -6.45 27.85 3.66
N GLU A 341 -6.36 29.16 3.95
CA GLU A 341 -7.54 30.02 3.87
C GLU A 341 -8.05 30.14 2.45
N LEU A 342 -7.16 30.06 1.46
CA LEU A 342 -7.59 30.19 0.07
C LEU A 342 -8.33 28.95 -0.40
N TYR A 343 -7.89 27.75 0.02
CA TYR A 343 -8.56 26.53 -0.38
C TYR A 343 -9.98 26.44 0.18
N GLY A 344 -10.20 26.97 1.39
CA GLY A 344 -11.52 26.96 1.98
C GLY A 344 -12.50 27.95 1.39
N SER A 345 -12.04 28.80 0.47
CA SER A 345 -12.89 29.78 -0.19
C SER A 345 -12.95 29.60 -1.70
N VAL A 346 -11.88 29.11 -2.31
CA VAL A 346 -11.82 28.99 -3.76
C VAL A 346 -12.71 27.84 -4.22
N ASP A 347 -13.38 28.03 -5.36
CA ASP A 347 -14.25 26.98 -5.90
C ASP A 347 -13.44 25.82 -6.47
N PHE A 348 -12.53 26.12 -7.40
CA PHE A 348 -11.74 25.10 -8.09
C PHE A 348 -10.27 25.47 -8.06
N VAL A 349 -9.42 24.49 -7.79
CA VAL A 349 -7.97 24.66 -7.80
C VAL A 349 -7.42 23.96 -9.04
N ILE A 350 -6.70 24.70 -9.87
CA ILE A 350 -6.16 24.19 -11.12
C ILE A 350 -4.70 23.81 -10.90
N ILE A 351 -4.38 22.54 -11.18
CA ILE A 351 -3.02 22.05 -11.08
C ILE A 351 -2.61 21.50 -12.45
N PRO A 352 -2.15 22.35 -13.37
CA PRO A 352 -1.81 21.90 -14.72
C PRO A 352 -0.37 21.40 -14.83
N SER A 353 0.03 20.54 -13.89
CA SER A 353 1.42 20.11 -13.82
C SER A 353 1.77 19.19 -14.98
N TYR A 354 3.00 19.33 -15.48
CA TYR A 354 3.55 18.38 -16.43
C TYR A 354 4.06 17.13 -15.75
N PHE A 355 4.44 17.22 -14.48
CA PHE A 355 5.06 16.11 -13.76
C PHE A 355 4.80 16.30 -12.27
N GLU A 356 4.00 15.41 -11.69
CA GLU A 356 3.70 15.44 -10.26
C GLU A 356 3.74 14.01 -9.74
N PRO A 357 4.80 13.63 -9.03
CA PRO A 357 4.91 12.24 -8.56
C PRO A 357 4.01 11.93 -7.39
N PHE A 358 3.71 12.94 -6.56
CA PHE A 358 2.86 12.79 -5.39
C PHE A 358 1.64 13.68 -5.51
N GLY A 359 0.48 13.13 -5.18
CA GLY A 359 -0.75 13.89 -5.26
C GLY A 359 -1.01 14.74 -4.03
N LEU A 360 0.05 15.09 -3.30
CA LEU A 360 -0.11 15.87 -2.09
C LEU A 360 -0.68 17.26 -2.37
N VAL A 361 -0.32 17.84 -3.51
CA VAL A 361 -0.86 19.15 -3.87
C VAL A 361 -2.36 19.10 -4.05
N ALA A 362 -2.88 17.97 -4.55
CA ALA A 362 -4.32 17.81 -4.69
C ALA A 362 -5.00 17.43 -3.37
N LEU A 363 -4.31 16.67 -2.53
CA LEU A 363 -4.89 16.29 -1.24
C LEU A 363 -5.00 17.49 -0.31
N GLU A 364 -4.03 18.41 -0.38
CA GLU A 364 -4.07 19.58 0.50
C GLU A 364 -5.25 20.48 0.18
N ALA A 365 -5.63 20.58 -1.10
CA ALA A 365 -6.77 21.41 -1.46
C ALA A 365 -8.10 20.67 -1.26
N MET A 366 -8.12 19.36 -1.49
CA MET A 366 -9.35 18.60 -1.34
C MET A 366 -9.81 18.52 0.11
N CYS A 367 -8.90 18.68 1.08
CA CYS A 367 -9.30 18.64 2.48
C CYS A 367 -10.20 19.81 2.84
N LEU A 368 -9.93 20.99 2.29
CA LEU A 368 -10.69 22.19 2.60
C LEU A 368 -11.81 22.44 1.60
N GLY A 369 -12.20 21.43 0.83
CA GLY A 369 -13.35 21.53 -0.04
C GLY A 369 -13.06 22.06 -1.43
N ALA A 370 -11.81 22.37 -1.76
CA ALA A 370 -11.49 22.81 -3.11
C ALA A 370 -11.58 21.63 -4.08
N ILE A 371 -12.20 21.87 -5.23
CA ILE A 371 -12.38 20.84 -6.25
C ILE A 371 -11.23 20.95 -7.24
N PRO A 372 -10.34 19.95 -7.31
CA PRO A 372 -9.13 20.11 -8.13
C PRO A 372 -9.38 19.88 -9.61
N ILE A 373 -8.74 20.71 -10.43
CA ILE A 373 -8.73 20.55 -11.88
C ILE A 373 -7.27 20.34 -12.26
N ALA A 374 -6.85 19.08 -12.29
CA ALA A 374 -5.44 18.74 -12.47
C ALA A 374 -5.24 17.84 -13.67
N SER A 375 -3.98 17.69 -14.06
CA SER A 375 -3.61 16.78 -15.14
C SER A 375 -3.54 15.35 -14.62
N ALA A 376 -3.74 14.40 -15.54
CA ALA A 376 -3.66 12.98 -15.20
C ALA A 376 -2.21 12.52 -15.29
N VAL A 377 -1.41 13.03 -14.36
CA VAL A 377 0.04 12.80 -14.34
C VAL A 377 0.42 12.23 -12.98
N GLY A 378 0.87 10.98 -12.97
CA GLY A 378 1.45 10.35 -11.80
C GLY A 378 0.60 10.41 -10.54
N GLY A 379 0.95 11.30 -9.62
CA GLY A 379 0.24 11.38 -8.36
C GLY A 379 -1.15 11.96 -8.50
N LEU A 380 -1.30 12.98 -9.34
CA LEU A 380 -2.62 13.57 -9.56
C LEU A 380 -3.56 12.59 -10.25
N ARG A 381 -3.00 11.64 -11.03
CA ARG A 381 -3.83 10.65 -11.70
C ARG A 381 -4.43 9.68 -10.70
N ASP A 382 -3.62 9.20 -9.75
CA ASP A 382 -4.08 8.19 -8.80
C ASP A 382 -5.00 8.75 -7.72
N ILE A 383 -4.90 10.04 -7.42
CA ILE A 383 -5.70 10.62 -6.35
C ILE A 383 -7.08 11.01 -6.84
N ILE A 384 -7.14 11.82 -7.89
CA ILE A 384 -8.40 12.38 -8.36
C ILE A 384 -9.17 11.34 -9.16
N THR A 385 -10.41 11.10 -8.77
CA THR A 385 -11.31 10.21 -9.49
C THR A 385 -12.32 11.04 -10.28
N ASN A 386 -13.42 10.42 -10.71
CA ASN A 386 -14.46 11.15 -11.41
C ASN A 386 -15.33 11.97 -10.45
N GLU A 387 -15.57 11.45 -9.24
CA GLU A 387 -16.47 12.08 -8.29
C GLU A 387 -15.82 13.17 -7.45
N THR A 388 -14.48 13.28 -7.47
CA THR A 388 -13.78 14.23 -6.63
C THR A 388 -12.82 15.10 -7.42
N GLY A 389 -13.17 15.44 -8.66
CA GLY A 389 -12.35 16.34 -9.44
C GLY A 389 -12.56 16.17 -10.92
N ILE A 390 -11.80 16.96 -11.68
CA ILE A 390 -11.82 16.93 -13.14
C ILE A 390 -10.39 16.76 -13.63
N LEU A 391 -10.17 15.77 -14.49
CA LEU A 391 -8.85 15.51 -15.04
C LEU A 391 -8.81 15.90 -16.52
N VAL A 392 -7.62 16.31 -16.97
CA VAL A 392 -7.39 16.70 -18.36
C VAL A 392 -6.00 16.24 -18.78
N LYS A 393 -5.76 16.28 -20.09
CA LYS A 393 -4.46 15.94 -20.62
C LYS A 393 -3.46 17.06 -20.33
N ALA A 394 -2.23 16.66 -19.97
CA ALA A 394 -1.20 17.64 -19.67
C ALA A 394 -0.71 18.30 -20.95
N GLY A 395 -0.25 19.55 -20.82
CA GLY A 395 0.25 20.30 -21.94
C GLY A 395 -0.81 20.80 -22.91
N ASP A 396 -2.08 20.43 -22.72
CA ASP A 396 -3.14 20.86 -23.60
C ASP A 396 -3.82 22.08 -23.00
N PRO A 397 -3.64 23.28 -23.58
CA PRO A 397 -4.30 24.47 -23.02
C PRO A 397 -5.76 24.57 -23.47
N GLY A 398 -6.07 24.02 -24.64
CA GLY A 398 -7.44 24.01 -25.11
C GLY A 398 -8.31 23.07 -24.31
N GLU A 399 -7.77 21.92 -23.91
CA GLU A 399 -8.54 20.98 -23.10
C GLU A 399 -8.73 21.49 -21.68
N LEU A 400 -7.76 22.24 -21.15
CA LEU A 400 -7.92 22.83 -19.83
C LEU A 400 -9.00 23.89 -19.83
N ALA A 401 -9.09 24.68 -20.91
CA ALA A 401 -10.15 25.67 -21.02
C ALA A 401 -11.53 25.01 -21.06
N ASN A 402 -11.61 23.82 -21.64
CA ASN A 402 -12.88 23.09 -21.66
C ASN A 402 -13.25 22.60 -20.26
N ALA A 403 -12.24 22.18 -19.48
CA ALA A 403 -12.52 21.76 -18.10
C ALA A 403 -12.94 22.93 -17.23
N ILE A 404 -12.41 24.13 -17.52
CA ILE A 404 -12.83 25.31 -16.79
C ILE A 404 -14.25 25.70 -17.19
N LEU A 405 -14.58 25.54 -18.47
CA LEU A 405 -15.97 25.75 -18.90
C LEU A 405 -16.89 24.69 -18.35
N LYS A 406 -16.42 23.44 -18.29
CA LYS A 406 -17.22 22.37 -17.70
C LYS A 406 -17.40 22.59 -16.20
N ALA A 407 -16.35 23.05 -15.52
CA ALA A 407 -16.47 23.35 -14.10
C ALA A 407 -17.41 24.51 -13.84
N LEU A 408 -17.56 25.41 -14.83
CA LEU A 408 -18.53 26.49 -14.69
C LEU A 408 -19.96 25.96 -14.69
N GLU A 409 -20.23 24.95 -15.51
CA GLU A 409 -21.55 24.34 -15.52
C GLU A 409 -21.80 23.51 -14.26
N LEU A 410 -20.74 22.91 -13.71
CA LEU A 410 -20.89 22.16 -12.46
C LEU A 410 -21.26 23.07 -11.30
N SER A 411 -20.80 24.33 -11.32
CA SER A 411 -21.10 25.27 -10.26
C SER A 411 -22.57 25.68 -10.22
N ARG A 412 -23.35 25.35 -11.25
CA ARG A 412 -24.76 25.71 -11.27
C ARG A 412 -25.62 24.77 -10.43
N SER A 413 -25.07 23.65 -9.99
CA SER A 413 -25.73 22.76 -9.05
C SER A 413 -25.05 22.88 -7.68
N ASP A 414 -25.68 22.28 -6.67
CA ASP A 414 -25.12 22.33 -5.32
C ASP A 414 -23.89 21.44 -5.24
N LEU A 415 -22.72 22.06 -5.17
CA LEU A 415 -21.46 21.33 -5.05
C LEU A 415 -21.15 20.89 -3.63
N SER A 416 -22.13 20.99 -2.72
CA SER A 416 -21.90 20.60 -1.33
C SER A 416 -21.57 19.12 -1.21
N LYS A 417 -22.15 18.28 -2.07
CA LYS A 417 -21.81 16.86 -2.07
C LYS A 417 -20.49 16.60 -2.78
N PHE A 418 -20.19 17.36 -3.83
CA PHE A 418 -18.90 17.21 -4.51
C PHE A 418 -17.74 17.54 -3.58
N ARG A 419 -17.86 18.65 -2.83
CA ARG A 419 -16.83 19.00 -1.88
C ARG A 419 -16.79 18.03 -0.71
N GLU A 420 -17.94 17.43 -0.36
CA GLU A 420 -17.97 16.40 0.67
C GLU A 420 -17.36 15.09 0.20
N ASN A 421 -17.35 14.86 -1.12
CA ASN A 421 -16.63 13.71 -1.67
C ASN A 421 -15.13 13.94 -1.66
N CYS A 422 -14.69 15.18 -1.98
CA CYS A 422 -13.28 15.50 -1.94
C CYS A 422 -12.72 15.41 -0.54
N LYS A 423 -13.46 15.92 0.45
CA LYS A 423 -13.02 15.80 1.84
C LYS A 423 -12.90 14.34 2.25
N LYS A 424 -13.84 13.50 1.83
CA LYS A 424 -13.80 12.09 2.18
C LYS A 424 -12.68 11.36 1.43
N ARG A 425 -12.49 11.69 0.15
CA ARG A 425 -11.44 11.05 -0.63
C ARG A 425 -10.06 11.38 -0.09
N ALA A 426 -9.83 12.65 0.24
CA ALA A 426 -8.53 13.06 0.78
C ALA A 426 -8.33 12.61 2.22
N MET A 427 -9.41 12.24 2.92
CA MET A 427 -9.30 11.84 4.31
C MET A 427 -8.75 10.43 4.48
N SER A 428 -8.73 9.63 3.42
CA SER A 428 -8.30 8.24 3.52
C SER A 428 -6.78 8.07 3.41
N PHE A 429 -6.08 9.06 2.87
CA PHE A 429 -4.64 8.97 2.67
C PHE A 429 -3.84 9.48 3.86
N SER A 430 -4.46 9.60 5.03
CA SER A 430 -3.75 10.03 6.21
C SER A 430 -2.89 8.90 6.75
N ARG A 431 -1.74 9.27 7.30
CA ARG A 431 -0.83 8.27 7.86
C ARG A 431 -1.47 7.52 9.02
N GLN A 432 -2.33 8.19 9.79
CA GLN A 432 -3.06 7.57 10.88
C GLN A 432 -4.39 6.98 10.44
N GLY A 433 -4.61 6.83 9.14
CA GLY A 433 -5.83 6.23 8.64
C GLY A 433 -5.71 4.73 8.46
N ALA A 434 -6.87 4.07 8.36
CA ALA A 434 -6.90 2.61 8.27
C ALA A 434 -6.33 2.12 6.93
N ASN A 435 -6.40 2.95 5.89
CA ASN A 435 -5.88 2.54 4.59
C ASN A 435 -4.36 2.47 4.61
N MET A 436 -3.70 3.57 4.97
CA MET A 436 -2.25 3.58 5.02
C MET A 436 -1.69 2.73 6.16
N LYS A 437 -2.48 2.49 7.21
CA LYS A 437 -2.01 1.63 8.30
C LYS A 437 -1.87 0.18 7.86
N GLY A 438 -2.71 -0.25 6.92
CA GLY A 438 -2.57 -1.59 6.38
C GLY A 438 -1.32 -1.77 5.54
N ALA A 439 -0.86 -0.69 4.90
CA ALA A 439 0.38 -0.77 4.13
C ALA A 439 1.59 -0.93 5.05
N ILE A 440 1.58 -0.26 6.20
CA ILE A 440 2.65 -0.45 7.17
C ILE A 440 2.58 -1.84 7.79
N THR A 441 1.37 -2.37 7.97
CA THR A 441 1.23 -3.75 8.46
C THR A 441 1.80 -4.73 7.43
N LEU A 442 1.61 -4.45 6.14
CA LEU A 442 2.18 -5.29 5.10
C LEU A 442 3.70 -5.16 5.06
N THR A 443 4.22 -3.95 5.30
CA THR A 443 5.67 -3.74 5.32
C THR A 443 6.32 -4.51 6.46
N ILE A 444 5.63 -4.62 7.59
CA ILE A 444 6.15 -5.43 8.70
C ILE A 444 6.12 -6.91 8.33
N LEU A 445 5.05 -7.34 7.67
CA LEU A 445 4.93 -8.76 7.31
C LEU A 445 6.00 -9.19 6.33
N ILE A 446 6.34 -8.34 5.37
CA ILE A 446 7.35 -8.69 4.39
C ILE A 446 8.76 -8.55 4.98
N GLY A 447 8.98 -7.49 5.76
CA GLY A 447 10.26 -7.35 6.44
C GLY A 447 10.55 -8.48 7.40
N VAL A 448 9.50 -9.04 8.01
CA VAL A 448 9.69 -10.20 8.89
C VAL A 448 10.00 -11.44 8.07
N PHE A 449 9.28 -11.66 6.98
CA PHE A 449 9.52 -12.83 6.14
C PHE A 449 10.89 -12.76 5.48
N VAL A 450 11.35 -11.56 5.10
CA VAL A 450 12.64 -11.43 4.44
C VAL A 450 13.77 -11.77 5.40
N VAL A 451 13.69 -11.29 6.64
CA VAL A 451 14.76 -11.53 7.60
C VAL A 451 14.82 -13.00 8.00
N CYS A 452 13.65 -13.62 8.23
CA CYS A 452 13.64 -14.99 8.72
C CYS A 452 14.12 -15.97 7.65
N TRP A 453 13.81 -15.69 6.38
CA TRP A 453 14.21 -16.57 5.29
C TRP A 453 15.51 -16.15 4.62
N ALA A 454 16.11 -15.04 5.06
CA ALA A 454 17.35 -14.57 4.42
C ALA A 454 18.49 -15.56 4.51
N PRO A 455 18.86 -16.11 5.69
CA PRO A 455 20.02 -17.02 5.72
C PRO A 455 19.82 -18.28 4.92
N PHE A 456 18.58 -18.79 4.84
CA PHE A 456 18.33 -19.98 4.03
C PHE A 456 18.62 -19.69 2.56
N PHE A 457 18.12 -18.57 2.04
CA PHE A 457 18.32 -18.26 0.63
C PHE A 457 19.76 -17.87 0.33
N LEU A 458 20.52 -17.39 1.32
CA LEU A 458 21.95 -17.22 1.13
C LEU A 458 22.66 -18.56 1.09
N HIS A 459 22.24 -19.50 1.95
CA HIS A 459 22.75 -20.87 1.87
C HIS A 459 22.38 -21.49 0.53
N LEU A 460 21.20 -21.15 0.01
CA LEU A 460 20.82 -21.63 -1.32
C LEU A 460 21.68 -21.01 -2.41
N ILE A 461 22.10 -19.76 -2.22
CA ILE A 461 23.00 -19.11 -3.18
C ILE A 461 24.38 -19.77 -3.13
N PHE A 462 24.88 -20.04 -1.92
CA PHE A 462 26.19 -20.66 -1.79
C PHE A 462 26.19 -22.10 -2.32
N TYR A 463 25.06 -22.81 -2.20
CA TYR A 463 24.97 -24.17 -2.70
C TYR A 463 25.27 -24.25 -4.19
N ILE A 464 24.98 -23.20 -4.94
CA ILE A 464 25.14 -23.23 -6.39
C ILE A 464 26.27 -22.34 -6.88
N SER A 465 26.75 -21.39 -6.08
CA SER A 465 27.78 -20.45 -6.49
C SER A 465 29.15 -20.77 -5.91
N CYS A 466 29.22 -21.15 -4.65
CA CYS A 466 30.50 -21.50 -4.03
C CYS A 466 30.39 -22.70 -3.10
N PRO A 467 29.96 -23.88 -3.58
CA PRO A 467 29.86 -25.02 -2.66
C PRO A 467 31.20 -25.51 -2.16
N GLN A 468 32.25 -25.37 -2.98
CA GLN A 468 33.59 -25.82 -2.61
C GLN A 468 34.37 -24.78 -1.81
N ASN A 469 33.85 -23.57 -1.68
CA ASN A 469 34.56 -22.52 -0.96
C ASN A 469 34.58 -22.82 0.54
N PRO A 470 35.74 -22.73 1.20
CA PRO A 470 35.76 -23.01 2.65
C PRO A 470 34.98 -22.00 3.47
N TYR A 471 34.83 -20.76 2.99
CA TYR A 471 34.06 -19.77 3.73
C TYR A 471 32.56 -20.02 3.57
N CYS A 472 32.12 -20.40 2.38
CA CYS A 472 30.72 -20.75 2.18
C CYS A 472 30.35 -22.05 2.89
N VAL A 473 31.33 -22.92 3.13
CA VAL A 473 31.06 -24.17 3.82
C VAL A 473 30.75 -23.90 5.29
N CYS A 474 31.50 -23.00 5.92
CA CYS A 474 31.25 -22.66 7.32
C CYS A 474 29.89 -22.01 7.50
N PHE A 475 29.36 -21.37 6.47
CA PHE A 475 28.03 -20.78 6.54
C PHE A 475 26.96 -21.86 6.34
N MET A 476 27.12 -22.69 5.31
CA MET A 476 26.14 -23.73 5.01
C MET A 476 26.06 -24.78 6.12
N SER A 477 27.09 -24.91 6.94
CA SER A 477 27.07 -25.87 8.03
C SER A 477 26.12 -25.45 9.16
N HIS A 478 25.79 -24.16 9.24
CA HIS A 478 24.85 -23.64 10.24
C HIS A 478 23.41 -23.67 9.73
N PHE A 479 23.05 -24.68 8.95
CA PHE A 479 21.73 -24.72 8.33
C PHE A 479 20.62 -24.95 9.36
N ASN A 480 20.90 -25.73 10.40
CA ASN A 480 19.89 -25.99 11.42
C ASN A 480 19.49 -24.72 12.16
N LEU A 481 20.36 -23.72 12.20
CA LEU A 481 19.97 -22.41 12.72
C LEU A 481 18.99 -21.72 11.78
N TYR A 482 19.20 -21.87 10.47
CA TYR A 482 18.33 -21.22 9.50
C TYR A 482 16.96 -21.87 9.44
N LEU A 483 16.85 -23.14 9.82
CA LEU A 483 15.54 -23.77 9.94
C LEU A 483 14.79 -23.22 11.15
N ILE A 484 15.51 -22.99 12.25
CA ILE A 484 14.88 -22.42 13.44
C ILE A 484 14.40 -21.01 13.15
N LEU A 485 15.17 -20.24 12.39
CA LEU A 485 14.75 -18.89 12.02
C LEU A 485 13.52 -18.94 11.13
N ILE A 486 13.45 -19.93 10.23
CA ILE A 486 12.27 -20.08 9.38
C ILE A 486 11.04 -20.40 10.23
N MET A 487 11.21 -21.27 11.24
CA MET A 487 10.10 -21.59 12.12
C MET A 487 9.68 -20.41 12.99
N CYS A 488 10.58 -19.45 13.20
CA CYS A 488 10.22 -18.26 13.95
C CYS A 488 9.33 -17.31 13.16
N ASN A 489 9.35 -17.40 11.82
CA ASN A 489 8.43 -16.62 11.01
C ASN A 489 6.99 -17.06 11.23
N SER A 490 6.78 -18.34 11.53
CA SER A 490 5.44 -18.86 11.79
C SER A 490 4.94 -18.53 13.18
N ILE A 491 5.81 -18.08 14.08
CA ILE A 491 5.44 -17.70 15.43
C ILE A 491 5.33 -16.18 15.56
N ILE A 492 6.21 -15.45 14.89
CA ILE A 492 6.19 -14.00 14.97
C ILE A 492 5.01 -13.42 14.17
N ASN A 493 4.64 -14.07 13.07
CA ASN A 493 3.54 -13.56 12.26
C ASN A 493 2.22 -13.47 13.01
N PRO A 494 1.79 -14.47 13.80
CA PRO A 494 0.58 -14.27 14.61
C PRO A 494 0.72 -13.12 15.59
N LEU A 495 1.92 -12.84 16.09
CA LEU A 495 2.13 -11.71 16.96
C LEU A 495 2.01 -10.38 16.22
N ILE A 496 2.19 -10.38 14.89
CA ILE A 496 2.05 -9.15 14.12
C ILE A 496 0.58 -8.86 13.85
N TYR A 497 -0.20 -9.89 13.48
CA TYR A 497 -1.63 -9.68 13.27
C TYR A 497 -2.30 -9.16 14.53
N ALA A 498 -1.96 -9.74 15.69
CA ALA A 498 -2.56 -9.30 16.94
C ALA A 498 -2.14 -7.88 17.29
N LEU A 499 -0.85 -7.57 17.15
CA LEU A 499 -0.36 -6.25 17.56
C LEU A 499 -0.89 -5.15 16.65
N ARG A 500 -1.22 -5.47 15.40
CA ARG A 500 -1.66 -4.47 14.44
C ARG A 500 -3.07 -4.75 13.93
N SER A 501 -3.97 -5.16 14.84
CA SER A 501 -5.38 -5.31 14.51
C SER A 501 -6.16 -5.30 15.81
N GLN A 502 -6.92 -4.23 16.05
CA GLN A 502 -7.68 -4.12 17.29
C GLN A 502 -8.85 -5.10 17.33
N GLU A 503 -9.45 -5.39 16.18
CA GLU A 503 -10.57 -6.32 16.15
C GLU A 503 -10.11 -7.76 16.37
N LEU A 504 -8.89 -8.09 15.95
CA LEU A 504 -8.39 -9.45 16.16
C LEU A 504 -8.04 -9.68 17.62
N ARG A 505 -7.59 -8.66 18.33
CA ARG A 505 -7.32 -8.82 19.77
C ARG A 505 -8.61 -8.98 20.55
N LYS A 506 -9.71 -8.43 20.06
CA LYS A 506 -11.00 -8.60 20.74
C LYS A 506 -11.46 -10.04 20.66
N THR A 507 -11.46 -10.63 19.46
CA THR A 507 -11.83 -12.03 19.32
C THR A 507 -10.78 -12.97 19.89
N PHE A 508 -9.55 -12.48 20.10
CA PHE A 508 -8.56 -13.28 20.82
C PHE A 508 -8.92 -13.41 22.29
N LYS A 509 -9.47 -12.34 22.88
CA LYS A 509 -9.84 -12.38 24.29
C LYS A 509 -11.08 -13.24 24.53
N GLU A 510 -11.97 -13.33 23.54
CA GLU A 510 -13.15 -14.17 23.68
C GLU A 510 -12.80 -15.65 23.61
N ILE A 511 -11.62 -16.00 23.10
CA ILE A 511 -11.17 -17.39 23.03
C ILE A 511 -10.30 -17.74 24.23
N ILE A 512 -9.44 -16.83 24.66
CA ILE A 512 -8.66 -17.06 25.88
C ILE A 512 -9.57 -17.10 27.11
N CYS A 513 -10.76 -16.49 27.03
CA CYS A 513 -11.72 -16.62 28.11
C CYS A 513 -12.54 -17.90 27.97
N CYS A 514 -12.78 -18.35 26.74
CA CYS A 514 -13.41 -19.65 26.53
C CYS A 514 -12.43 -20.79 26.78
N TYR A 515 -11.14 -20.58 26.54
CA TYR A 515 -10.14 -21.57 26.90
C TYR A 515 -10.07 -21.77 28.41
N GLU A 516 -10.46 -20.76 29.19
CA GLU A 516 -10.67 -20.90 30.61
C GLU A 516 -12.08 -21.34 30.96
N PHE A 517 -13.00 -21.30 29.99
CA PHE A 517 -14.37 -21.76 30.20
C PHE A 517 -14.63 -23.15 29.63
N LEU A 518 -13.91 -23.54 28.57
CA LEU A 518 -13.93 -24.90 28.04
C LEU A 518 -13.07 -25.86 28.87
N GLU A 519 -12.81 -25.53 30.14
CA GLU A 519 -12.07 -26.37 31.06
C GLU A 519 -12.86 -26.69 32.33
N VAL A 520 -13.78 -25.80 32.74
CA VAL A 520 -14.68 -26.11 33.85
C VAL A 520 -15.73 -27.13 33.41
N LEU A 521 -16.31 -26.93 32.23
CA LEU A 521 -17.24 -27.91 31.69
C LEU A 521 -16.54 -29.17 31.21
N PHE A 522 -15.22 -29.13 31.05
CA PHE A 522 -14.46 -30.32 30.65
C PHE A 522 -14.14 -31.21 31.83
N GLN A 523 -14.00 -30.64 33.03
CA GLN A 523 -13.77 -31.39 34.25
C GLN A 523 -14.99 -31.35 35.16
N GLY A 524 -16.18 -31.44 34.57
CA GLY A 524 -17.41 -31.39 35.32
C GLY A 524 -18.58 -30.86 34.51
C ACE B 1 17.65 -38.31 2.47
O ACE B 1 16.61 -37.91 1.98
CH3 ACE B 1 18.78 -38.86 1.65
N NLE B 2 17.87 -38.30 3.79
CA NLE B 2 16.86 -37.80 4.72
C NLE B 2 17.48 -36.75 5.65
O NLE B 2 17.77 -37.03 6.81
CB NLE B 2 16.26 -38.95 5.52
CG NLE B 2 15.11 -38.56 6.44
CD NLE B 2 13.98 -37.89 5.69
CE NLE B 2 12.83 -37.53 6.62
N ASP B 3 17.69 -35.55 5.13
CA ASP B 3 18.22 -34.46 5.93
C ASP B 3 17.11 -33.54 6.39
N PRO B 4 17.35 -32.78 7.47
CA PRO B 4 16.43 -31.69 7.83
C PRO B 4 16.38 -30.62 6.74
N 4J2 B 5 15.22 -30.44 6.13
CA 4J2 B 5 15.07 -29.56 4.98
CB 4J2 B 5 13.61 -29.31 4.65
CG 4J2 B 5 13.33 -28.10 3.81
CD1 4J2 B 5 13.57 -26.81 4.36
CD2 4J2 B 5 12.86 -28.22 2.53
CE1 4J2 B 5 13.32 -25.69 3.62
CZ1 4J2 B 5 12.83 -25.78 2.28
CZ2 4J2 B 5 12.56 -24.64 1.49
CZ3 4J2 B 5 12.09 -24.77 0.20
CE2 4J2 B 5 12.60 -27.07 1.74
CE3 4J2 B 5 12.11 -27.19 0.40
CE4 4J2 B 5 11.86 -26.06 -0.34
C 4J2 B 5 15.81 -30.16 3.72
O 4J2 B 5 16.10 -31.38 3.72
N ARG B 6 16.10 -29.34 2.71
CA ARG B 6 16.85 -29.84 1.55
C ARG B 6 18.14 -29.08 1.30
N TRP B 7 18.80 -29.43 0.20
CA TRP B 7 20.08 -28.84 -0.21
C TRP B 7 21.11 -29.00 0.91
N ARG B 8 21.33 -30.26 1.28
CA ARG B 8 22.18 -30.62 2.39
C ARG B 8 23.30 -31.59 2.03
N LYS B 9 23.15 -32.36 0.97
CA LYS B 9 24.10 -33.42 0.63
C LYS B 9 24.60 -33.28 -0.80
N NH2 B 10 23.82 -32.60 -1.63
CA CA C . 14.52 -33.16 3.79
C1 OLA D . 7.74 7.75 -6.47
O1 OLA D . 7.74 6.77 -5.68
O2 OLA D . 6.67 8.39 -6.67
C2 OLA D . 9.03 8.15 -7.19
C3 OLA D . 9.06 9.66 -7.41
C4 OLA D . 10.50 10.16 -7.30
C5 OLA D . 10.73 11.27 -8.34
C6 OLA D . 12.07 11.03 -9.04
C7 OLA D . 11.95 11.37 -10.51
C8 OLA D . 13.22 10.92 -11.25
C1 OLA E . 2.48 6.72 -6.57
O1 OLA E . 1.53 7.50 -6.31
O2 OLA E . 3.63 7.18 -6.85
C2 OLA E . 2.26 5.21 -6.53
C3 OLA E . 2.40 4.71 -5.10
C4 OLA E . 2.59 3.19 -5.10
C5 OLA E . 4.07 2.86 -5.26
C6 OLA E . 4.36 1.50 -4.61
C7 OLA E . 5.74 1.00 -5.05
C8 OLA E . 5.83 -0.51 -4.82
C9 OLA E . 6.90 -1.10 -5.74
C1 OLA F . 0.23 9.59 -2.49
O1 OLA F . 0.87 9.19 -3.50
O2 OLA F . 0.05 10.82 -2.32
C2 OLA F . -0.31 8.58 -1.49
C3 OLA F . 0.75 7.56 -1.11
C4 OLA F . 0.31 6.17 -1.56
C5 OLA F . 1.04 5.11 -0.74
C6 OLA F . 1.46 3.95 -1.65
C7 OLA F . 0.99 2.62 -1.05
C8 OLA F . 1.66 1.46 -1.79
C9 OLA F . 0.93 0.16 -1.48
C10 OLA F . 1.42 -1.01 -1.84
C11 OLA F . 2.77 -1.10 -2.57
C12 OLA F . 2.90 -2.46 -3.26
C13 OLA F . 2.04 -2.48 -4.53
C14 OLA F . 1.93 -3.91 -5.07
C15 OLA F . 1.13 -3.90 -6.36
C1 OLA G . -12.26 -18.59 2.83
O1 OLA G . -13.40 -19.03 2.54
O2 OLA G . -11.94 -17.41 2.55
C2 OLA G . -11.25 -19.51 3.51
C3 OLA G . -9.85 -18.89 3.43
C4 OLA G . -8.80 -19.92 3.82
C5 OLA G . -8.55 -20.84 2.63
C6 OLA G . -7.72 -22.05 3.08
C7 OLA G . -6.28 -21.89 2.61
C8 OLA G . -5.56 -23.24 2.68
C9 OLA G . -6.31 -24.26 1.82
C10 OLA G . -5.77 -25.41 1.51
C11 OLA G . -4.37 -25.78 1.97
C12 OLA G . -3.94 -27.09 1.32
C13 OLA G . -2.48 -27.40 1.65
C14 OLA G . -1.94 -28.43 0.66
C15 OLA G . -0.45 -28.67 0.92
C1 OLA H . 1.90 4.93 -10.76
O1 OLA H . 1.10 4.13 -11.29
O2 OLA H . 1.72 6.18 -10.89
C2 OLA H . 3.08 4.41 -9.94
C3 OLA H . 4.37 4.48 -10.77
C4 OLA H . 5.55 4.80 -9.86
C5 OLA H . 5.64 3.78 -8.74
C6 OLA H . 7.06 3.74 -8.17
C7 OLA H . 7.98 3.02 -9.16
C8 OLA H . 8.43 1.69 -8.57
C9 OLA H . 9.61 1.92 -7.63
C10 OLA H . 10.54 1.00 -7.49
C11 OLA H . 10.46 -0.31 -8.29
C12 OLA H . 11.38 -1.35 -7.65
C13 OLA H . 12.84 -0.93 -7.80
#